data_3K65
#
_entry.id   3K65
#
_cell.length_a   73.530
_cell.length_b   73.530
_cell.length_c   205.880
_cell.angle_alpha   90.000
_cell.angle_beta   90.000
_cell.angle_gamma   90.000
#
_symmetry.space_group_name_H-M   'P 41 21 2'
#
loop_
_entity.id
_entity.type
_entity.pdbx_description
1 polymer Prothrombin
2 polymer Prothrombin
3 non-polymer 1,4-BUTANEDIOL
4 water water
#
loop_
_entity_poly.entity_id
_entity_poly.type
_entity_poly.pdbx_seq_one_letter_code
_entity_poly.pdbx_strand_id
1 'polypeptide(L)'
;SEGSSVNLSPPLEQCVPDRGQQYQGRLAVTTHGLPCLAWASAQAKALSKHQDFNSAVQLVENFCRNPDGDEEGVWCYVAG
KPGDFGYCDLNYCEEAVEEETGDGLDEDSDRAIEGR
;
A
2 'polypeptide(L)'
;TATSEYQTFFNPRTFGSGEADCGLRPLFEKKSLEDKTERELLESYIDGRIVEGSDAEIGMSPWQVMLFRKSPQELLCGAS
LISDRWVLTAAHCLLYPPWDKNFTENDLLVRIGKHSRTRYERNIEKISMLEKIYIHPRYNWRENLDRDIALMKLKKPVAF
SDYIHPVCLPDRETAASLLQAGYKGRVTGWGNLKETWTANVGKGQPSVLQVVNLPIVERPVCKDSTRIRITDNMFCAGYK
PDEGKRGDACEGDAGGPFVMKSPFNNRWYQMGIVSWGEGCDRDGKYGFYTHVFRLKKWIQKVIDQFGE
;
B
#
# COMPACT_ATOMS: atom_id res chain seq x y z
N GLN A 14 -16.95 -23.48 26.20
CA GLN A 14 -16.80 -23.92 24.78
C GLN A 14 -15.90 -22.96 24.00
N CYS A 15 -15.51 -23.36 22.80
CA CYS A 15 -14.65 -22.53 21.96
C CYS A 15 -15.46 -21.62 21.06
N VAL A 16 -14.94 -20.42 20.83
CA VAL A 16 -15.62 -19.45 19.98
C VAL A 16 -15.28 -19.75 18.53
N PRO A 17 -16.30 -19.91 17.68
CA PRO A 17 -16.13 -20.21 16.26
C PRO A 17 -16.03 -18.98 15.35
N ASP A 18 -15.82 -19.26 14.07
CA ASP A 18 -15.74 -18.24 13.03
C ASP A 18 -14.94 -17.00 13.46
N ARG A 19 -13.85 -17.23 14.19
CA ARG A 19 -12.99 -16.17 14.68
C ARG A 19 -13.73 -15.06 15.42
N GLY A 20 -14.79 -15.45 16.14
CA GLY A 20 -15.56 -14.49 16.92
C GLY A 20 -16.58 -13.62 16.20
N GLN A 21 -16.89 -13.93 14.95
CA GLN A 21 -17.85 -13.11 14.22
C GLN A 21 -19.28 -13.29 14.70
N GLN A 22 -19.50 -14.19 15.66
CA GLN A 22 -20.84 -14.43 16.20
C GLN A 22 -20.86 -14.08 17.69
N TYR A 23 -19.69 -13.75 18.24
CA TYR A 23 -19.54 -13.41 19.65
C TYR A 23 -20.57 -12.42 20.17
N GLN A 24 -21.20 -12.76 21.30
CA GLN A 24 -22.22 -11.92 21.93
C GLN A 24 -21.78 -11.55 23.34
N GLY A 25 -20.61 -12.04 23.74
CA GLY A 25 -20.09 -11.78 25.07
C GLY A 25 -20.05 -10.34 25.52
N ARG A 26 -19.50 -10.12 26.71
CA ARG A 26 -19.39 -8.79 27.29
C ARG A 26 -17.95 -8.40 27.58
N LEU A 27 -16.99 -9.19 27.10
CA LEU A 27 -15.58 -8.87 27.34
C LEU A 27 -15.35 -7.45 26.85
N ALA A 28 -14.76 -6.61 27.68
CA ALA A 28 -14.51 -5.21 27.32
C ALA A 28 -13.10 -4.76 27.61
N VAL A 29 -12.16 -5.68 27.57
CA VAL A 29 -10.76 -5.34 27.81
C VAL A 29 -9.91 -6.14 26.83
N THR A 30 -8.81 -5.54 26.37
CA THR A 30 -7.94 -6.21 25.43
C THR A 30 -7.00 -7.16 26.16
N THR A 31 -6.27 -7.97 25.40
CA THR A 31 -5.34 -8.93 25.95
C THR A 31 -4.26 -8.27 26.81
N HIS A 32 -3.92 -7.03 26.48
CA HIS A 32 -2.89 -6.32 27.22
C HIS A 32 -3.44 -5.45 28.35
N GLY A 33 -4.69 -5.70 28.73
CA GLY A 33 -5.30 -4.96 29.82
C GLY A 33 -5.81 -3.55 29.56
N LEU A 34 -6.02 -3.18 28.30
CA LEU A 34 -6.53 -1.84 28.01
C LEU A 34 -8.05 -1.88 27.95
N PRO A 35 -8.71 -0.92 28.60
CA PRO A 35 -10.18 -0.88 28.58
C PRO A 35 -10.70 -0.48 27.21
N CYS A 36 -11.80 -1.10 26.80
CA CYS A 36 -12.41 -0.82 25.51
C CYS A 36 -13.27 0.44 25.50
N LEU A 37 -13.28 1.14 24.37
CA LEU A 37 -14.09 2.35 24.22
C LEU A 37 -15.45 1.96 23.64
N ALA A 38 -16.46 2.79 23.89
CA ALA A 38 -17.80 2.52 23.38
C ALA A 38 -17.79 2.69 21.86
N TRP A 39 -18.44 1.76 21.16
CA TRP A 39 -18.49 1.83 19.71
C TRP A 39 -19.24 3.08 19.26
N ALA A 40 -20.15 3.55 20.11
CA ALA A 40 -20.95 4.72 19.79
C ALA A 40 -20.26 6.03 20.17
N SER A 41 -19.09 5.94 20.77
CA SER A 41 -18.35 7.14 21.16
C SER A 41 -17.96 7.87 19.88
N ALA A 42 -17.83 9.19 19.97
CA ALA A 42 -17.47 10.01 18.81
C ALA A 42 -16.13 9.60 18.19
N GLN A 43 -15.14 9.32 19.03
CA GLN A 43 -13.84 8.93 18.52
C GLN A 43 -13.87 7.56 17.83
N ALA A 44 -14.68 6.64 18.35
CA ALA A 44 -14.80 5.32 17.76
C ALA A 44 -15.50 5.40 16.40
N LYS A 45 -16.62 6.12 16.34
CA LYS A 45 -17.35 6.27 15.10
C LYS A 45 -16.50 6.90 14.01
N ALA A 46 -15.64 7.84 14.41
CA ALA A 46 -14.77 8.51 13.44
C ALA A 46 -13.79 7.50 12.86
N LEU A 47 -13.27 6.60 13.70
CA LEU A 47 -12.34 5.59 13.22
C LEU A 47 -13.04 4.55 12.35
N SER A 48 -14.30 4.26 12.69
CA SER A 48 -15.08 3.26 11.94
C SER A 48 -15.68 3.78 10.63
N LYS A 49 -15.85 5.09 10.54
CA LYS A 49 -16.48 5.71 9.38
C LYS A 49 -16.16 5.19 7.98
N HIS A 50 -14.88 5.03 7.66
CA HIS A 50 -14.50 4.56 6.33
C HIS A 50 -14.14 3.09 6.21
N GLN A 51 -14.46 2.31 7.23
CA GLN A 51 -14.16 0.89 7.19
C GLN A 51 -15.35 0.14 6.63
N ASP A 52 -15.18 -1.16 6.40
CA ASP A 52 -16.24 -2.00 5.85
C ASP A 52 -16.68 -3.04 6.88
N PHE A 53 -17.72 -2.69 7.64
CA PHE A 53 -18.24 -3.58 8.67
C PHE A 53 -19.45 -4.38 8.21
N ASN A 54 -19.63 -5.55 8.80
CA ASN A 54 -20.76 -6.42 8.49
C ASN A 54 -21.88 -5.96 9.41
N SER A 55 -22.93 -5.36 8.84
CA SER A 55 -24.05 -4.86 9.62
C SER A 55 -24.62 -5.88 10.59
N ALA A 56 -24.40 -7.16 10.32
CA ALA A 56 -24.91 -8.22 11.18
C ALA A 56 -24.29 -8.19 12.57
N VAL A 57 -23.00 -7.87 12.64
CA VAL A 57 -22.30 -7.80 13.92
C VAL A 57 -22.81 -6.61 14.72
N GLN A 58 -23.27 -6.88 15.94
CA GLN A 58 -23.81 -5.84 16.82
C GLN A 58 -22.74 -5.14 17.64
N LEU A 59 -22.51 -3.86 17.35
CA LEU A 59 -21.51 -3.09 18.07
C LEU A 59 -22.16 -2.50 19.31
N VAL A 60 -22.27 -3.33 20.34
CA VAL A 60 -22.90 -2.97 21.61
C VAL A 60 -21.93 -2.48 22.69
N GLU A 61 -22.34 -1.46 23.45
CA GLU A 61 -21.52 -0.91 24.52
C GLU A 61 -20.07 -0.73 24.08
N ASN A 62 -19.15 -1.35 24.83
CA ASN A 62 -17.74 -1.28 24.52
C ASN A 62 -17.21 -2.71 24.52
N PHE A 63 -18.06 -3.64 24.11
CA PHE A 63 -17.70 -5.05 24.08
C PHE A 63 -16.95 -5.43 22.81
N CYS A 64 -15.96 -6.31 22.99
CA CYS A 64 -15.15 -6.78 21.87
C CYS A 64 -16.01 -7.45 20.79
N ARG A 65 -15.74 -7.09 19.54
CA ARG A 65 -16.47 -7.64 18.39
C ARG A 65 -15.53 -7.74 17.20
N ASN A 66 -15.97 -8.42 16.15
CA ASN A 66 -15.17 -8.56 14.93
C ASN A 66 -16.04 -8.20 13.74
N PRO A 67 -16.40 -6.91 13.61
CA PRO A 67 -17.25 -6.39 12.54
C PRO A 67 -16.66 -6.41 11.13
N ASP A 68 -15.33 -6.41 11.03
CA ASP A 68 -14.66 -6.41 9.73
C ASP A 68 -14.20 -7.79 9.26
N GLY A 69 -14.39 -8.80 10.10
CA GLY A 69 -13.98 -10.15 9.74
C GLY A 69 -12.48 -10.34 9.84
N ASP A 70 -11.86 -9.66 10.80
CA ASP A 70 -10.42 -9.76 11.02
C ASP A 70 -10.07 -11.21 11.34
N GLU A 71 -9.09 -11.75 10.63
CA GLU A 71 -8.64 -13.12 10.83
C GLU A 71 -8.13 -13.38 12.25
N GLU A 72 -7.63 -12.34 12.90
CA GLU A 72 -7.10 -12.47 14.24
C GLU A 72 -8.17 -12.57 15.33
N GLY A 73 -9.40 -12.15 15.03
CA GLY A 73 -10.46 -12.25 16.02
C GLY A 73 -11.09 -10.94 16.45
N VAL A 74 -11.84 -10.98 17.55
CA VAL A 74 -12.52 -9.81 18.08
C VAL A 74 -11.53 -8.78 18.60
N TRP A 75 -11.93 -7.53 18.57
CA TRP A 75 -11.08 -6.45 19.01
C TRP A 75 -11.94 -5.26 19.43
N CYS A 76 -11.29 -4.19 19.88
CA CYS A 76 -12.03 -3.00 20.28
C CYS A 76 -11.09 -1.81 20.27
N TYR A 77 -11.64 -0.61 20.17
CA TYR A 77 -10.81 0.60 20.17
C TYR A 77 -10.36 0.91 21.59
N VAL A 78 -9.17 1.48 21.74
CA VAL A 78 -8.66 1.83 23.07
C VAL A 78 -8.36 3.32 23.17
N ALA A 79 -8.44 4.01 22.03
CA ALA A 79 -8.20 5.45 21.96
C ALA A 79 -8.76 5.95 20.63
N GLY A 80 -8.50 7.21 20.29
CA GLY A 80 -9.07 7.73 19.05
C GLY A 80 -8.19 7.98 17.84
N LYS A 81 -6.94 7.53 17.86
CA LYS A 81 -6.06 7.75 16.71
C LYS A 81 -5.84 6.48 15.88
N PRO A 82 -5.34 6.61 14.65
CA PRO A 82 -5.11 5.42 13.83
C PRO A 82 -4.27 4.40 14.56
N GLY A 83 -4.70 3.15 14.54
CA GLY A 83 -3.97 2.09 15.21
C GLY A 83 -4.28 1.92 16.68
N ASP A 84 -5.20 2.73 17.21
CA ASP A 84 -5.54 2.62 18.62
C ASP A 84 -6.64 1.59 18.87
N PHE A 85 -6.28 0.32 18.70
CA PHE A 85 -7.22 -0.77 18.92
C PHE A 85 -6.42 -1.96 19.40
N GLY A 86 -7.11 -2.95 19.98
CA GLY A 86 -6.40 -4.13 20.45
C GLY A 86 -7.31 -5.33 20.39
N TYR A 87 -6.73 -6.51 20.29
CA TYR A 87 -7.51 -7.73 20.23
C TYR A 87 -7.84 -8.16 21.64
N CYS A 88 -8.90 -8.95 21.78
CA CYS A 88 -9.31 -9.41 23.09
C CYS A 88 -9.09 -10.91 23.23
N ASP A 89 -8.62 -11.32 24.40
CA ASP A 89 -8.32 -12.72 24.69
C ASP A 89 -9.54 -13.65 24.72
N LEU A 90 -9.77 -14.35 23.61
N LEU A 90 -9.76 -14.35 23.61
CA LEU A 90 -10.88 -15.29 23.51
CA LEU A 90 -10.89 -15.27 23.49
C LEU A 90 -10.35 -16.65 23.11
C LEU A 90 -10.37 -16.65 23.07
N ASN A 91 -11.14 -17.69 23.36
CA ASN A 91 -10.75 -19.05 23.01
C ASN A 91 -11.45 -19.52 21.74
N TYR A 92 -10.75 -19.43 20.62
CA TYR A 92 -11.31 -19.81 19.34
C TYR A 92 -11.17 -21.30 19.03
N CYS A 93 -12.11 -21.84 18.27
CA CYS A 93 -12.10 -23.26 17.92
C CYS A 93 -10.94 -23.55 16.97
N THR B 8 -15.96 3.82 -14.83
CA THR B 8 -14.90 4.14 -13.84
C THR B 8 -15.34 3.73 -12.43
N PHE B 9 -14.37 3.34 -11.60
CA PHE B 9 -14.65 2.93 -10.23
C PHE B 9 -14.75 4.13 -9.29
N PHE B 10 -13.99 5.18 -9.61
CA PHE B 10 -13.98 6.39 -8.80
C PHE B 10 -14.77 7.51 -9.48
N ASN B 11 -15.17 8.50 -8.69
CA ASN B 11 -15.92 9.63 -9.22
C ASN B 11 -14.93 10.75 -9.55
N PRO B 12 -14.83 11.14 -10.83
CA PRO B 12 -13.91 12.19 -11.27
C PRO B 12 -14.04 13.50 -10.49
N ARG B 13 -15.21 13.74 -9.90
CA ARG B 13 -15.46 14.96 -9.14
C ARG B 13 -14.56 15.03 -7.91
N THR B 14 -14.30 13.88 -7.29
CA THR B 14 -13.46 13.83 -6.10
C THR B 14 -12.11 13.16 -6.36
N PHE B 15 -12.10 12.19 -7.28
CA PHE B 15 -10.88 11.46 -7.62
C PHE B 15 -9.99 12.28 -8.54
N GLY B 16 -10.59 13.13 -9.35
CA GLY B 16 -9.82 13.93 -10.29
C GLY B 16 -9.77 13.16 -11.59
N SER B 17 -8.98 13.61 -12.55
CA SER B 17 -8.89 12.93 -13.82
C SER B 17 -7.76 11.91 -13.84
N GLY B 18 -7.78 11.01 -14.81
CA GLY B 18 -6.73 10.01 -14.92
C GLY B 18 -7.10 8.54 -14.91
N GLU B 19 -8.21 8.19 -14.25
CA GLU B 19 -8.60 6.78 -14.17
C GLU B 19 -8.76 6.10 -15.53
N ALA B 20 -9.55 6.70 -16.42
CA ALA B 20 -9.81 6.13 -17.73
C ALA B 20 -8.55 5.72 -18.50
N ASP B 21 -7.49 6.51 -18.39
CA ASP B 21 -6.26 6.25 -19.11
C ASP B 21 -5.10 5.76 -18.22
N CYS B 22 -5.43 5.29 -17.02
CA CYS B 22 -4.42 4.80 -16.08
C CYS B 22 -3.63 3.60 -16.60
N GLY B 23 -2.42 3.45 -16.07
CA GLY B 23 -1.59 2.32 -16.43
C GLY B 23 -1.00 2.21 -17.82
N LEU B 24 -1.21 3.20 -18.67
CA LEU B 24 -0.65 3.18 -20.02
C LEU B 24 0.39 4.29 -20.12
N ARG B 25 1.66 3.90 -20.12
CA ARG B 25 2.79 4.83 -20.16
C ARG B 25 3.00 5.54 -21.51
N PRO B 26 3.06 6.87 -21.48
CA PRO B 26 3.26 7.70 -22.68
C PRO B 26 4.45 7.30 -23.54
N LEU B 27 5.55 6.90 -22.91
CA LEU B 27 6.76 6.54 -23.64
C LEU B 27 6.87 5.05 -23.99
N PHE B 28 5.86 4.28 -23.64
CA PHE B 28 5.91 2.85 -23.95
C PHE B 28 4.61 2.32 -24.55
N GLU B 29 3.63 1.98 -23.72
CA GLU B 29 2.37 1.46 -24.25
C GLU B 29 1.72 2.41 -25.27
N LYS B 30 1.76 3.70 -24.98
CA LYS B 30 1.17 4.69 -25.88
C LYS B 30 1.87 4.73 -27.23
N LYS B 31 3.08 4.20 -27.27
N LYS B 31 3.09 4.21 -27.28
CA LYS B 31 3.86 4.16 -28.51
CA LYS B 31 3.87 4.19 -28.51
C LYS B 31 4.08 2.70 -28.92
C LYS B 31 4.10 2.76 -28.98
N SER B 32 3.30 1.81 -28.32
N SER B 32 3.35 1.82 -28.42
CA SER B 32 3.37 0.39 -28.57
CA SER B 32 3.46 0.41 -28.76
C SER B 32 4.78 -0.17 -28.43
C SER B 32 4.89 -0.10 -28.54
N LEU B 33 5.51 0.35 -27.45
CA LEU B 33 6.87 -0.08 -27.16
C LEU B 33 6.90 -0.74 -25.79
N GLU B 34 7.78 -1.70 -25.60
CA GLU B 34 7.93 -2.39 -24.33
C GLU B 34 9.25 -1.95 -23.73
N ASP B 35 9.35 -1.92 -22.40
CA ASP B 35 10.62 -1.54 -21.81
C ASP B 35 11.52 -2.77 -21.85
N LYS B 36 12.80 -2.57 -21.52
CA LYS B 36 13.79 -3.64 -21.56
C LYS B 36 13.61 -4.88 -20.70
N THR B 37 12.92 -4.79 -19.58
CA THR B 37 12.80 -5.97 -18.74
C THR B 37 11.40 -6.50 -18.48
N GLU B 38 10.37 -5.86 -19.01
CA GLU B 38 9.04 -6.36 -18.74
C GLU B 38 8.82 -7.77 -19.27
N ARG B 39 9.65 -8.19 -20.22
CA ARG B 39 9.55 -9.55 -20.75
C ARG B 39 9.87 -10.52 -19.62
N GLU B 40 10.72 -10.08 -18.70
CA GLU B 40 11.12 -10.91 -17.56
C GLU B 40 9.94 -11.26 -16.67
N LEU B 41 8.93 -10.40 -16.67
CA LEU B 41 7.74 -10.63 -15.86
C LEU B 41 6.97 -11.85 -16.36
N LEU B 42 7.40 -12.39 -17.49
CA LEU B 42 6.75 -13.54 -18.08
C LEU B 42 7.64 -14.78 -18.16
N GLU B 43 8.95 -14.58 -17.98
CA GLU B 43 9.89 -15.70 -18.03
C GLU B 43 10.53 -15.98 -16.68
N SER B 44 10.79 -17.25 -16.39
N SER B 44 10.79 -17.25 -16.41
CA SER B 44 11.41 -17.62 -15.13
CA SER B 44 11.40 -17.69 -15.16
C SER B 44 12.78 -18.23 -15.40
C SER B 44 12.80 -18.25 -15.41
N TYR B 45 13.81 -17.60 -14.85
CA TYR B 45 15.18 -18.05 -15.01
C TYR B 45 15.55 -18.96 -13.86
N ILE B 46 16.25 -20.06 -14.15
CA ILE B 46 16.67 -20.99 -13.12
C ILE B 46 18.17 -21.26 -13.23
N ASP B 47 18.89 -20.27 -13.74
CA ASP B 47 20.34 -20.38 -13.91
C ASP B 47 21.03 -19.80 -12.69
N GLY B 48 20.24 -19.37 -11.70
CA GLY B 48 20.79 -18.81 -10.48
C GLY B 48 21.32 -17.39 -10.59
N ARG B 49 20.99 -16.71 -11.68
CA ARG B 49 21.43 -15.34 -11.89
C ARG B 49 21.01 -14.45 -10.73
N ILE B 50 21.94 -13.63 -10.23
CA ILE B 50 21.67 -12.73 -9.11
C ILE B 50 20.62 -11.70 -9.49
N VAL B 51 19.56 -11.61 -8.68
CA VAL B 51 18.49 -10.66 -8.92
C VAL B 51 18.82 -9.34 -8.22
N GLU B 52 19.23 -8.35 -9.00
CA GLU B 52 19.59 -7.05 -8.44
C GLU B 52 18.90 -5.90 -9.15
N GLY B 53 18.80 -4.78 -8.46
CA GLY B 53 18.17 -3.60 -9.03
C GLY B 53 19.05 -2.99 -10.11
N SER B 54 18.43 -2.61 -11.23
CA SER B 54 19.16 -1.99 -12.32
C SER B 54 18.53 -0.64 -12.62
N ASP B 55 19.26 0.22 -13.32
CA ASP B 55 18.76 1.55 -13.66
C ASP B 55 17.49 1.48 -14.49
N ALA B 56 16.53 2.33 -14.14
CA ALA B 56 15.27 2.39 -14.86
C ALA B 56 15.46 3.14 -16.16
N GLU B 57 14.59 2.84 -17.12
CA GLU B 57 14.63 3.53 -18.40
C GLU B 57 13.82 4.80 -18.16
N ILE B 58 14.07 5.82 -18.98
CA ILE B 58 13.37 7.08 -18.85
C ILE B 58 11.86 6.91 -19.11
N GLY B 59 11.04 7.35 -18.16
CA GLY B 59 9.60 7.27 -18.33
C GLY B 59 9.01 5.88 -18.10
N MET B 60 9.81 4.97 -17.56
CA MET B 60 9.41 3.59 -17.28
C MET B 60 8.43 3.43 -16.11
N SER B 61 8.43 4.39 -15.19
CA SER B 61 7.53 4.36 -14.03
C SER B 61 7.03 5.78 -13.76
N PRO B 62 6.23 6.32 -14.69
CA PRO B 62 5.67 7.68 -14.60
C PRO B 62 4.75 7.97 -13.41
N TRP B 63 4.38 6.93 -12.66
CA TRP B 63 3.53 7.10 -11.50
C TRP B 63 4.38 7.17 -10.23
N GLN B 64 5.70 7.10 -10.38
CA GLN B 64 6.60 7.13 -9.24
C GLN B 64 6.56 8.49 -8.55
N VAL B 65 6.43 8.47 -7.23
CA VAL B 65 6.39 9.71 -6.45
C VAL B 65 7.37 9.63 -5.30
N MET B 66 8.08 10.73 -5.06
CA MET B 66 9.04 10.80 -3.96
C MET B 66 8.43 11.66 -2.87
N LEU B 67 8.42 11.14 -1.65
CA LEU B 67 7.88 11.87 -0.49
C LEU B 67 9.08 12.45 0.24
N PHE B 68 9.12 13.78 0.34
CA PHE B 68 10.21 14.49 1.00
C PHE B 68 9.80 15.23 2.26
N ARG B 69 10.74 15.36 3.20
CA ARG B 69 10.50 16.15 4.40
C ARG B 69 10.65 17.56 3.79
N LYS B 70 9.72 18.45 4.10
CA LYS B 70 9.76 19.82 3.56
C LYS B 70 11.03 20.58 3.93
N SER B 71 11.30 20.72 5.22
CA SER B 71 12.50 21.44 5.65
C SER B 71 13.04 20.88 6.96
N PRO B 72 14.31 20.43 6.97
CA PRO B 72 15.21 20.40 5.82
C PRO B 72 14.78 19.37 4.78
N GLN B 73 15.11 19.62 3.51
CA GLN B 73 14.74 18.71 2.44
C GLN B 73 15.47 17.38 2.61
N GLU B 74 14.69 16.31 2.76
CA GLU B 74 15.23 14.96 2.94
C GLU B 74 14.24 13.94 2.35
N LEU B 75 14.74 13.00 1.55
CA LEU B 75 13.88 11.96 0.97
C LEU B 75 13.43 11.04 2.10
N LEU B 76 12.11 10.85 2.24
CA LEU B 76 11.59 10.00 3.30
C LEU B 76 11.06 8.63 2.86
N CYS B 77 10.36 8.61 1.75
CA CYS B 77 9.76 7.37 1.27
C CYS B 77 9.36 7.47 -0.17
N GLY B 78 8.88 6.35 -0.70
CA GLY B 78 8.40 6.32 -2.06
C GLY B 78 6.89 6.44 -1.95
N ALA B 79 6.22 6.60 -3.08
CA ALA B 79 4.77 6.73 -3.13
C ALA B 79 4.37 6.56 -4.59
N SER B 80 3.08 6.62 -4.88
CA SER B 80 2.62 6.43 -6.25
C SER B 80 1.44 7.33 -6.59
N LEU B 81 1.35 7.72 -7.85
CA LEU B 81 0.29 8.61 -8.33
C LEU B 81 -0.87 7.80 -8.88
N ILE B 82 -2.05 7.95 -8.30
CA ILE B 82 -3.20 7.21 -8.79
C ILE B 82 -4.20 8.07 -9.56
N SER B 83 -4.01 9.38 -9.50
CA SER B 83 -4.87 10.32 -10.26
C SER B 83 -4.11 11.64 -10.33
N ASP B 84 -4.74 12.70 -10.83
CA ASP B 84 -4.03 13.96 -10.90
C ASP B 84 -3.96 14.70 -9.57
N ARG B 85 -4.57 14.13 -8.53
CA ARG B 85 -4.50 14.77 -7.22
C ARG B 85 -4.43 13.85 -6.01
N TRP B 86 -4.34 12.54 -6.24
CA TRP B 86 -4.22 11.60 -5.13
C TRP B 86 -2.97 10.74 -5.25
N VAL B 87 -2.28 10.55 -4.12
CA VAL B 87 -1.06 9.77 -4.06
C VAL B 87 -1.21 8.68 -2.99
N LEU B 88 -0.67 7.50 -3.28
CA LEU B 88 -0.74 6.37 -2.37
C LEU B 88 0.65 6.11 -1.78
N THR B 89 0.72 5.79 -0.49
CA THR B 89 1.99 5.48 0.17
C THR B 89 1.73 4.58 1.36
N ALA B 90 2.78 4.26 2.11
CA ALA B 90 2.64 3.40 3.29
C ALA B 90 2.37 4.29 4.49
N ALA B 91 1.48 3.84 5.38
CA ALA B 91 1.15 4.59 6.59
C ALA B 91 2.38 4.77 7.51
N HIS B 92 3.23 3.76 7.62
CA HIS B 92 4.38 3.87 8.52
C HIS B 92 5.38 4.94 8.07
N CYS B 93 5.24 5.41 6.82
CA CYS B 93 6.10 6.45 6.31
C CYS B 93 5.72 7.81 6.91
N LEU B 94 4.48 7.89 7.38
CA LEU B 94 3.94 9.11 7.95
C LEU B 94 3.71 9.04 9.45
N LEU B 95 3.26 7.88 9.93
CA LEU B 95 2.93 7.69 11.33
C LEU B 95 3.51 6.42 11.96
N TYR B 96 4.27 6.61 13.05
CA TYR B 96 4.85 5.50 13.80
C TYR B 96 5.19 6.00 15.20
N PRO B 97 4.21 5.95 16.11
CA PRO B 97 4.37 6.40 17.50
C PRO B 97 5.61 5.93 18.25
N PRO B 98 6.03 4.67 18.07
CA PRO B 98 7.23 4.21 18.79
C PRO B 98 8.46 5.06 18.50
N TRP B 99 8.47 5.72 17.34
CA TRP B 99 9.58 6.57 16.94
C TRP B 99 9.26 8.06 17.01
N ASP B 100 8.11 8.39 17.59
CA ASP B 100 7.67 9.79 17.70
C ASP B 100 7.53 10.38 16.30
N LYS B 101 7.13 9.53 15.35
CA LYS B 101 6.95 9.98 13.97
C LYS B 101 5.48 10.28 13.70
N ASN B 102 5.19 11.53 13.33
CA ASN B 102 3.82 11.92 13.01
C ASN B 102 3.89 13.09 12.05
N PHE B 103 4.17 12.79 10.78
CA PHE B 103 4.28 13.81 9.74
C PHE B 103 2.91 14.21 9.23
N THR B 104 2.62 15.50 9.21
CA THR B 104 1.34 15.95 8.70
C THR B 104 1.56 16.72 7.39
N GLU B 105 0.47 17.07 6.73
CA GLU B 105 0.52 17.77 5.44
C GLU B 105 1.51 18.91 5.27
N ASN B 106 1.65 19.77 6.27
CA ASN B 106 2.57 20.90 6.12
C ASN B 106 4.05 20.58 6.38
N ASP B 107 4.34 19.34 6.78
CA ASP B 107 5.72 18.96 7.03
C ASP B 107 6.33 18.31 5.79
N LEU B 108 5.50 18.09 4.77
CA LEU B 108 5.93 17.37 3.58
C LEU B 108 5.66 18.02 2.21
N LEU B 109 6.27 17.42 1.19
CA LEU B 109 6.10 17.82 -0.19
C LEU B 109 6.43 16.59 -1.03
N VAL B 110 5.91 16.51 -2.25
CA VAL B 110 6.22 15.39 -3.11
C VAL B 110 6.83 15.87 -4.42
N ARG B 111 7.70 15.04 -4.99
CA ARG B 111 8.32 15.35 -6.27
C ARG B 111 7.90 14.24 -7.22
N ILE B 112 7.30 14.65 -8.32
CA ILE B 112 6.75 13.73 -9.31
C ILE B 112 7.46 13.80 -10.66
N GLY B 113 7.50 12.67 -11.35
CA GLY B 113 8.13 12.58 -12.66
C GLY B 113 9.64 12.53 -12.70
N LYS B 114 10.27 12.26 -11.57
CA LYS B 114 11.74 12.22 -11.54
C LYS B 114 12.39 10.94 -12.02
N HIS B 115 13.62 11.09 -12.50
CA HIS B 115 14.42 9.97 -12.99
C HIS B 115 15.66 9.91 -12.11
N SER B 116 16.24 11.09 -11.86
CA SER B 116 17.45 11.20 -11.05
C SER B 116 17.08 11.64 -9.63
N ARG B 117 17.69 10.99 -8.65
CA ARG B 117 17.40 11.31 -7.25
C ARG B 117 18.10 12.56 -6.73
N THR B 118 19.24 12.87 -7.32
CA THR B 118 20.05 14.00 -6.85
C THR B 118 20.04 15.35 -7.55
N ARG B 119 19.38 15.48 -8.68
CA ARG B 119 19.38 16.77 -9.35
C ARG B 119 17.99 17.27 -9.74
N TYR B 120 17.86 18.57 -9.89
CA TYR B 120 16.59 19.16 -10.28
C TYR B 120 16.40 18.93 -11.77
N GLU B 121 15.29 18.27 -12.12
CA GLU B 121 15.01 17.97 -13.50
C GLU B 121 14.05 18.98 -14.12
N ARG B 122 14.63 20.07 -14.62
CA ARG B 122 13.90 21.15 -15.26
C ARG B 122 13.01 20.65 -16.38
N ASN B 123 11.80 21.21 -16.46
CA ASN B 123 10.84 20.83 -17.50
C ASN B 123 10.47 19.36 -17.50
N ILE B 124 10.67 18.69 -16.37
CA ILE B 124 10.34 17.28 -16.26
C ILE B 124 9.60 17.01 -14.95
N GLU B 125 10.29 17.22 -13.83
CA GLU B 125 9.69 16.97 -12.52
C GLU B 125 8.76 18.07 -12.07
N LYS B 126 7.82 17.70 -11.21
CA LYS B 126 6.87 18.65 -10.66
C LYS B 126 6.88 18.46 -9.14
N ILE B 127 6.83 19.58 -8.43
CA ILE B 127 6.82 19.52 -6.97
C ILE B 127 5.45 19.97 -6.52
N SER B 128 4.86 19.23 -5.57
N SER B 128 4.86 19.23 -5.57
CA SER B 128 3.55 19.58 -5.07
CA SER B 128 3.54 19.55 -5.07
C SER B 128 3.46 19.53 -3.55
C SER B 128 3.46 19.52 -3.55
N MET B 129 2.61 20.37 -3.00
CA MET B 129 2.40 20.43 -1.56
C MET B 129 1.18 19.55 -1.32
N LEU B 130 0.96 19.18 -0.07
CA LEU B 130 -0.18 18.33 0.27
C LEU B 130 -1.29 19.11 0.95
N GLU B 131 -2.53 18.77 0.61
CA GLU B 131 -3.68 19.42 1.22
C GLU B 131 -4.09 18.65 2.46
N LYS B 132 -4.04 17.32 2.39
CA LYS B 132 -4.40 16.51 3.53
C LYS B 132 -3.91 15.07 3.42
N ILE B 133 -3.66 14.46 4.57
CA ILE B 133 -3.17 13.09 4.64
C ILE B 133 -4.21 12.22 5.34
N TYR B 134 -4.37 10.99 4.86
CA TYR B 134 -5.33 10.06 5.46
C TYR B 134 -4.64 8.73 5.78
N ILE B 135 -4.68 8.33 7.05
CA ILE B 135 -4.07 7.07 7.48
C ILE B 135 -5.18 6.06 7.75
N HIS B 136 -4.98 4.79 7.40
CA HIS B 136 -6.02 3.79 7.66
C HIS B 136 -6.26 3.75 9.17
N PRO B 137 -7.53 3.86 9.61
CA PRO B 137 -7.88 3.84 11.04
C PRO B 137 -7.37 2.63 11.79
N ARG B 138 -7.23 1.50 11.08
CA ARG B 138 -6.73 0.31 11.75
C ARG B 138 -5.38 -0.17 11.24
N TYR B 139 -4.54 0.81 10.90
CA TYR B 139 -3.16 0.59 10.50
C TYR B 139 -2.62 0.11 11.84
N ASN B 140 -2.12 -1.14 11.88
CA ASN B 140 -1.66 -1.75 13.12
C ASN B 140 -0.18 -1.58 13.46
N TRP B 141 0.21 -0.36 13.86
CA TRP B 141 1.60 -0.10 14.19
C TRP B 141 2.02 -0.75 15.51
N ARG B 142 1.07 -1.08 16.38
CA ARG B 142 1.40 -1.67 17.67
C ARG B 142 1.90 -3.12 17.52
N GLU B 143 1.51 -3.78 16.45
CA GLU B 143 1.88 -5.17 16.26
C GLU B 143 2.68 -5.56 15.01
N ASN B 144 2.05 -5.52 13.84
CA ASN B 144 2.70 -5.98 12.61
C ASN B 144 2.61 -5.11 11.36
N LEU B 145 2.16 -3.86 11.51
CA LEU B 145 2.01 -2.96 10.37
C LEU B 145 0.89 -3.42 9.43
N ASP B 146 -0.09 -4.12 9.98
CA ASP B 146 -1.22 -4.60 9.19
C ASP B 146 -1.90 -3.34 8.63
N ARG B 147 -2.42 -3.41 7.40
CA ARG B 147 -3.10 -2.28 6.77
C ARG B 147 -2.20 -1.03 6.68
N ASP B 148 -0.97 -1.26 6.25
CA ASP B 148 0.03 -0.19 6.11
C ASP B 148 -0.28 0.59 4.85
N ILE B 149 -1.22 1.53 4.96
CA ILE B 149 -1.61 2.30 3.79
C ILE B 149 -2.06 3.71 4.18
N ALA B 150 -1.73 4.67 3.32
CA ALA B 150 -2.10 6.05 3.54
C ALA B 150 -2.37 6.72 2.21
N LEU B 151 -3.19 7.76 2.26
N LEU B 151 -3.20 7.75 2.24
CA LEU B 151 -3.57 8.51 1.08
CA LEU B 151 -3.54 8.52 1.06
C LEU B 151 -3.15 9.97 1.29
C LEU B 151 -3.13 9.96 1.29
N MET B 152 -2.64 10.61 0.24
CA MET B 152 -2.22 12.00 0.34
C MET B 152 -2.86 12.76 -0.81
N LYS B 153 -3.59 13.83 -0.48
CA LYS B 153 -4.26 14.63 -1.49
C LYS B 153 -3.37 15.82 -1.82
N LEU B 154 -3.15 16.05 -3.11
CA LEU B 154 -2.30 17.16 -3.54
C LEU B 154 -3.04 18.49 -3.40
N LYS B 155 -2.31 19.55 -3.06
CA LYS B 155 -2.90 20.86 -2.89
C LYS B 155 -3.52 21.33 -4.21
N LYS B 156 -2.82 21.04 -5.31
CA LYS B 156 -3.30 21.38 -6.64
C LYS B 156 -3.08 20.18 -7.54
N PRO B 157 -3.94 19.99 -8.56
CA PRO B 157 -3.77 18.85 -9.47
C PRO B 157 -2.44 18.97 -10.21
N VAL B 158 -1.80 17.83 -10.49
CA VAL B 158 -0.55 17.84 -11.23
C VAL B 158 -0.87 17.58 -12.69
N ALA B 159 -0.12 18.21 -13.60
CA ALA B 159 -0.36 18.01 -15.02
C ALA B 159 0.38 16.76 -15.48
N PHE B 160 -0.31 15.92 -16.25
CA PHE B 160 0.32 14.71 -16.77
C PHE B 160 1.25 15.08 -17.92
N SER B 161 2.19 14.20 -18.23
CA SER B 161 3.16 14.43 -19.31
C SER B 161 3.78 13.09 -19.70
N ASP B 162 4.84 13.11 -20.50
CA ASP B 162 5.48 11.86 -20.88
C ASP B 162 6.14 11.21 -19.66
N TYR B 163 6.38 12.03 -18.63
CA TYR B 163 7.05 11.58 -17.41
C TYR B 163 6.16 11.41 -16.19
N ILE B 164 4.94 11.93 -16.28
CA ILE B 164 4.00 11.88 -15.16
C ILE B 164 2.67 11.30 -15.64
N HIS B 165 2.31 10.14 -15.12
CA HIS B 165 1.07 9.46 -15.50
C HIS B 165 0.67 8.50 -14.39
N PRO B 166 -0.62 8.41 -14.06
CA PRO B 166 -1.12 7.54 -13.00
C PRO B 166 -1.16 6.05 -13.32
N VAL B 167 -1.01 5.23 -12.28
CA VAL B 167 -1.06 3.77 -12.41
C VAL B 167 -2.49 3.35 -12.10
N CYS B 168 -2.88 2.13 -12.48
CA CYS B 168 -4.23 1.66 -12.19
C CYS B 168 -4.28 0.90 -10.88
N LEU B 169 -5.45 0.88 -10.26
CA LEU B 169 -5.67 0.14 -9.03
C LEU B 169 -6.52 -1.06 -9.48
N PRO B 170 -6.19 -2.25 -9.00
CA PRO B 170 -6.95 -3.44 -9.40
C PRO B 170 -8.39 -3.58 -8.92
N ASP B 171 -9.17 -4.32 -9.71
CA ASP B 171 -10.55 -4.63 -9.40
C ASP B 171 -10.46 -6.09 -8.94
N ARG B 172 -11.56 -6.67 -8.48
CA ARG B 172 -11.54 -8.04 -7.99
C ARG B 172 -11.03 -9.04 -9.04
N GLU B 173 -11.53 -8.92 -10.26
CA GLU B 173 -11.11 -9.83 -11.34
C GLU B 173 -9.62 -9.72 -11.64
N THR B 174 -9.12 -8.50 -11.72
CA THR B 174 -7.71 -8.26 -12.00
C THR B 174 -6.83 -8.82 -10.89
N ALA B 175 -7.24 -8.59 -9.63
CA ALA B 175 -6.49 -9.09 -8.50
C ALA B 175 -6.44 -10.63 -8.49
N ALA B 176 -7.57 -11.26 -8.80
CA ALA B 176 -7.65 -12.71 -8.80
C ALA B 176 -6.75 -13.32 -9.88
N SER B 177 -6.73 -12.69 -11.04
CA SER B 177 -5.93 -13.19 -12.15
C SER B 177 -4.43 -12.90 -12.06
N LEU B 178 -4.05 -11.75 -11.51
CA LEU B 178 -2.63 -11.39 -11.44
C LEU B 178 -1.89 -11.68 -10.15
N LEU B 179 -2.54 -11.52 -9.01
N LEU B 179 -2.57 -11.54 -9.02
CA LEU B 179 -1.88 -11.75 -7.73
CA LEU B 179 -1.94 -11.76 -7.72
C LEU B 179 -1.88 -13.22 -7.33
C LEU B 179 -1.92 -13.24 -7.35
N GLN B 180 -1.03 -14.00 -7.99
CA GLN B 180 -0.91 -15.43 -7.72
C GLN B 180 0.56 -15.81 -7.57
N ALA B 181 0.85 -16.70 -6.62
CA ALA B 181 2.21 -17.14 -6.38
C ALA B 181 2.88 -17.58 -7.68
N GLY B 182 4.10 -17.12 -7.90
CA GLY B 182 4.82 -17.48 -9.11
C GLY B 182 4.87 -16.36 -10.13
N TYR B 183 3.78 -15.60 -10.24
CA TYR B 183 3.74 -14.50 -11.18
C TYR B 183 4.70 -13.43 -10.67
N LYS B 184 5.29 -12.66 -11.58
CA LYS B 184 6.24 -11.64 -11.19
C LYS B 184 5.68 -10.23 -11.22
N GLY B 185 6.15 -9.41 -10.29
CA GLY B 185 5.73 -8.02 -10.21
C GLY B 185 6.99 -7.17 -10.23
N ARG B 186 6.80 -5.86 -10.27
CA ARG B 186 7.94 -4.94 -10.33
C ARG B 186 7.93 -3.90 -9.23
N VAL B 187 9.07 -3.71 -8.58
CA VAL B 187 9.22 -2.74 -7.51
C VAL B 187 10.23 -1.69 -7.96
N THR B 188 9.98 -0.45 -7.60
CA THR B 188 10.85 0.66 -7.97
C THR B 188 11.16 1.53 -6.78
N GLY B 189 12.38 2.05 -6.72
CA GLY B 189 12.76 2.90 -5.61
C GLY B 189 14.20 3.39 -5.74
N TRP B 190 14.69 4.01 -4.68
N TRP B 190 14.71 4.01 -4.69
CA TRP B 190 16.05 4.53 -4.68
CA TRP B 190 16.07 4.53 -4.69
C TRP B 190 16.85 3.85 -3.56
C TRP B 190 16.94 3.91 -3.61
N GLN B 205 26.03 3.58 -4.60
CA GLN B 205 24.72 4.20 -4.46
C GLN B 205 24.27 4.80 -5.78
N PRO B 206 23.33 4.14 -6.47
CA PRO B 206 22.81 4.62 -7.76
C PRO B 206 22.19 6.01 -7.63
N SER B 207 22.15 6.74 -8.74
CA SER B 207 21.59 8.09 -8.74
C SER B 207 20.22 8.11 -9.40
N VAL B 208 19.93 7.09 -10.20
CA VAL B 208 18.64 7.02 -10.88
C VAL B 208 17.73 5.97 -10.28
N LEU B 209 16.43 6.10 -10.55
CA LEU B 209 15.43 5.17 -10.06
C LEU B 209 15.86 3.74 -10.37
N GLN B 210 15.81 2.87 -9.38
CA GLN B 210 16.18 1.47 -9.53
C GLN B 210 14.94 0.61 -9.73
N VAL B 211 15.09 -0.48 -10.48
N VAL B 211 15.07 -0.47 -10.51
CA VAL B 211 13.99 -1.38 -10.76
CA VAL B 211 13.93 -1.33 -10.78
C VAL B 211 14.41 -2.82 -10.46
C VAL B 211 14.28 -2.83 -10.71
N VAL B 212 13.42 -3.65 -10.09
N VAL B 212 13.46 -3.58 -9.99
CA VAL B 212 13.68 -5.05 -9.79
CA VAL B 212 13.66 -5.02 -9.84
C VAL B 212 12.36 -5.79 -9.94
C VAL B 212 12.33 -5.74 -10.04
N ASN B 213 12.41 -6.95 -10.59
CA ASN B 213 11.21 -7.75 -10.80
C ASN B 213 11.31 -8.94 -9.84
N LEU B 214 10.23 -9.18 -9.09
CA LEU B 214 10.23 -10.25 -8.11
C LEU B 214 8.98 -11.13 -8.23
N PRO B 215 9.12 -12.42 -7.92
CA PRO B 215 7.96 -13.33 -8.00
C PRO B 215 7.20 -13.32 -6.68
N ILE B 216 5.88 -13.44 -6.77
CA ILE B 216 5.06 -13.50 -5.57
C ILE B 216 5.31 -14.87 -4.95
N VAL B 217 5.45 -14.89 -3.63
CA VAL B 217 5.73 -16.11 -2.89
C VAL B 217 4.49 -16.59 -2.13
N GLU B 218 4.29 -17.91 -2.07
CA GLU B 218 3.14 -18.47 -1.35
C GLU B 218 3.14 -18.07 0.12
N ARG B 219 1.96 -17.68 0.58
N ARG B 219 1.99 -17.63 0.62
CA ARG B 219 1.71 -17.24 1.96
CA ARG B 219 1.91 -17.19 2.01
C ARG B 219 2.39 -18.13 3.02
C ARG B 219 2.55 -18.16 3.01
N PRO B 220 2.22 -19.46 2.91
CA PRO B 220 2.84 -20.39 3.88
C PRO B 220 4.38 -20.26 3.91
N VAL B 221 4.97 -19.96 2.76
CA VAL B 221 6.42 -19.80 2.68
C VAL B 221 6.83 -18.47 3.31
N CYS B 222 6.05 -17.41 3.06
CA CYS B 222 6.35 -16.10 3.64
C CYS B 222 6.28 -16.25 5.17
N LYS B 223 5.17 -16.81 5.65
CA LYS B 223 4.96 -17.05 7.08
C LYS B 223 6.19 -17.70 7.71
N ASP B 224 6.67 -18.75 7.08
CA ASP B 224 7.81 -19.53 7.54
C ASP B 224 9.11 -18.74 7.67
N SER B 225 9.18 -17.57 7.03
CA SER B 225 10.40 -16.77 7.06
C SER B 225 10.50 -15.71 8.14
N THR B 226 9.41 -15.44 8.85
CA THR B 226 9.43 -14.40 9.87
C THR B 226 8.59 -14.69 11.10
N ARG B 227 8.92 -14.03 12.20
CA ARG B 227 8.18 -14.21 13.44
C ARG B 227 6.97 -13.27 13.45
N ILE B 228 7.00 -12.27 12.57
CA ILE B 228 5.90 -11.31 12.48
C ILE B 228 4.66 -11.99 11.94
N ARG B 229 3.50 -11.64 12.49
CA ARG B 229 2.24 -12.23 12.04
C ARG B 229 1.82 -11.63 10.70
N ILE B 230 1.81 -12.46 9.66
CA ILE B 230 1.45 -12.03 8.31
C ILE B 230 -0.07 -12.14 8.19
N THR B 231 -0.70 -11.19 7.50
CA THR B 231 -2.16 -11.21 7.37
C THR B 231 -2.64 -11.28 5.94
N ASP B 232 -3.96 -11.39 5.78
CA ASP B 232 -4.57 -11.43 4.45
C ASP B 232 -4.42 -10.08 3.76
N ASN B 233 -4.03 -9.06 4.52
CA ASN B 233 -3.86 -7.72 3.96
C ASN B 233 -2.46 -7.48 3.43
N MET B 234 -1.65 -8.54 3.42
CA MET B 234 -0.28 -8.46 2.93
C MET B 234 -0.01 -9.61 1.96
N PHE B 235 1.09 -9.52 1.24
CA PHE B 235 1.54 -10.60 0.37
C PHE B 235 3.05 -10.38 0.30
N CYS B 236 3.80 -11.42 -0.03
CA CYS B 236 5.23 -11.20 -0.10
C CYS B 236 5.80 -11.68 -1.43
N ALA B 237 6.99 -11.19 -1.75
CA ALA B 237 7.64 -11.54 -3.00
C ALA B 237 9.15 -11.53 -2.81
N GLY B 238 9.86 -12.22 -3.69
CA GLY B 238 11.30 -12.27 -3.59
C GLY B 238 11.88 -13.67 -3.51
N TYR B 239 13.03 -13.77 -2.87
CA TYR B 239 13.74 -15.04 -2.71
C TYR B 239 14.24 -15.18 -1.28
N LYS B 240 14.46 -16.42 -0.85
CA LYS B 240 14.93 -16.69 0.50
C LYS B 240 16.32 -16.12 0.76
N PRO B 241 16.50 -15.46 1.92
CA PRO B 241 17.78 -14.86 2.31
C PRO B 241 18.86 -15.91 2.57
N ASP B 242 20.11 -15.54 2.36
CA ASP B 242 21.22 -16.48 2.60
C ASP B 242 21.45 -16.70 4.09
N GLY B 252 14.75 0.95 2.93
CA GLY B 252 14.29 0.40 1.66
C GLY B 252 13.39 1.36 0.91
N ASP B 253 12.76 0.85 -0.15
CA ASP B 253 11.86 1.65 -0.99
C ASP B 253 10.45 1.67 -0.41
N ALA B 254 10.37 1.73 0.91
CA ALA B 254 9.08 1.74 1.59
C ALA B 254 8.13 2.79 1.04
N GLY B 255 6.86 2.41 0.92
CA GLY B 255 5.84 3.32 0.42
C GLY B 255 5.64 3.29 -1.08
N GLY B 256 6.65 2.78 -1.80
CA GLY B 256 6.61 2.70 -3.24
C GLY B 256 5.66 1.63 -3.77
N PRO B 257 5.48 1.57 -5.10
CA PRO B 257 4.57 0.56 -5.66
C PRO B 257 5.16 -0.76 -6.14
N PHE B 258 4.35 -1.81 -6.07
CA PHE B 258 4.70 -3.13 -6.58
C PHE B 258 3.64 -3.22 -7.67
N VAL B 259 4.07 -3.23 -8.93
CA VAL B 259 3.16 -3.24 -10.05
C VAL B 259 3.23 -4.47 -10.94
N MET B 260 2.14 -4.74 -11.65
CA MET B 260 2.04 -5.87 -12.55
C MET B 260 1.33 -5.43 -13.83
N LYS B 261 1.78 -5.92 -14.97
CA LYS B 261 1.16 -5.55 -16.24
C LYS B 261 0.15 -6.61 -16.65
N SER B 262 -1.05 -6.17 -16.97
CA SER B 262 -2.09 -7.11 -17.37
C SER B 262 -1.91 -7.62 -18.80
N PRO B 263 -1.91 -8.94 -18.98
CA PRO B 263 -1.75 -9.49 -20.33
C PRO B 263 -3.09 -9.39 -21.07
N PHE B 264 -4.12 -8.98 -20.33
CA PHE B 264 -5.47 -8.86 -20.87
C PHE B 264 -5.86 -7.48 -21.37
N ASN B 265 -5.35 -6.41 -20.77
CA ASN B 265 -5.69 -5.07 -21.26
C ASN B 265 -4.45 -4.20 -21.45
N ASN B 266 -3.28 -4.79 -21.22
CA ASN B 266 -2.01 -4.10 -21.41
C ASN B 266 -1.72 -2.96 -20.44
N ARG B 267 -2.50 -2.85 -19.37
CA ARG B 267 -2.31 -1.79 -18.39
C ARG B 267 -1.52 -2.22 -17.17
N TRP B 268 -0.79 -1.27 -16.57
CA TRP B 268 -0.03 -1.55 -15.35
C TRP B 268 -0.91 -1.29 -14.14
N TYR B 269 -0.90 -2.23 -13.20
CA TYR B 269 -1.70 -2.12 -11.99
C TYR B 269 -0.84 -2.16 -10.75
N GLN B 270 -1.18 -1.33 -9.76
CA GLN B 270 -0.42 -1.36 -8.52
C GLN B 270 -1.12 -2.36 -7.60
N MET B 271 -0.50 -3.53 -7.44
CA MET B 271 -1.06 -4.58 -6.61
C MET B 271 -0.62 -4.43 -5.15
N GLY B 272 0.51 -3.77 -4.92
CA GLY B 272 0.99 -3.63 -3.56
C GLY B 272 1.77 -2.36 -3.25
N ILE B 273 1.98 -2.12 -1.95
CA ILE B 273 2.73 -0.96 -1.46
C ILE B 273 3.88 -1.54 -0.63
N VAL B 274 5.12 -1.17 -0.93
CA VAL B 274 6.25 -1.69 -0.15
C VAL B 274 6.03 -1.35 1.32
N SER B 275 5.92 -2.37 2.16
CA SER B 275 5.67 -2.16 3.58
C SER B 275 6.88 -2.45 4.47
N TRP B 276 7.33 -3.70 4.44
CA TRP B 276 8.49 -4.08 5.26
C TRP B 276 9.25 -5.27 4.66
N GLY B 277 10.23 -5.75 5.41
CA GLY B 277 11.02 -6.87 4.93
C GLY B 277 12.48 -6.50 4.72
N CYS B 280 14.16 -4.03 -3.13
CA CYS B 280 13.98 -5.39 -2.63
C CYS B 280 15.09 -6.29 -3.22
N ASP B 281 16.32 -6.00 -2.79
CA ASP B 281 17.54 -6.62 -3.28
C ASP B 281 18.07 -8.03 -2.96
N ARG B 282 19.13 -8.32 -3.71
CA ARG B 282 19.89 -9.58 -3.84
C ARG B 282 20.81 -10.35 -2.88
N ASP B 283 20.54 -10.40 -1.59
CA ASP B 283 21.39 -11.29 -0.79
C ASP B 283 20.45 -12.45 -0.98
N GLY B 284 19.31 -12.28 -0.31
CA GLY B 284 18.21 -13.22 -0.36
C GLY B 284 17.20 -12.33 0.32
N LYS B 285 16.12 -12.00 -0.36
CA LYS B 285 15.15 -11.11 0.28
C LYS B 285 13.67 -11.31 0.03
N TYR B 286 12.92 -11.41 1.12
CA TYR B 286 11.47 -11.53 1.05
C TYR B 286 10.91 -10.17 1.41
N GLY B 287 10.22 -9.54 0.48
CA GLY B 287 9.63 -8.25 0.77
C GLY B 287 8.16 -8.44 1.08
N PHE B 288 7.62 -7.62 1.98
CA PHE B 288 6.21 -7.71 2.32
C PHE B 288 5.51 -6.45 1.84
N TYR B 289 4.36 -6.64 1.22
CA TYR B 289 3.61 -5.55 0.63
C TYR B 289 2.17 -5.45 1.08
N THR B 290 1.67 -4.22 1.16
CA THR B 290 0.28 -4.01 1.54
C THR B 290 -0.55 -4.46 0.33
N HIS B 291 -1.53 -5.34 0.59
CA HIS B 291 -2.41 -5.88 -0.45
C HIS B 291 -3.40 -4.77 -0.82
N VAL B 292 -3.10 -4.04 -1.89
CA VAL B 292 -3.94 -2.93 -2.30
C VAL B 292 -5.41 -3.25 -2.56
N PHE B 293 -5.72 -4.33 -3.29
CA PHE B 293 -7.11 -4.62 -3.54
C PHE B 293 -7.91 -4.84 -2.26
N ARG B 294 -7.31 -5.49 -1.28
CA ARG B 294 -7.96 -5.76 0.00
C ARG B 294 -8.40 -4.49 0.71
N LEU B 295 -7.74 -3.38 0.39
CA LEU B 295 -8.05 -2.10 1.03
C LEU B 295 -8.69 -1.07 0.11
N LYS B 296 -9.09 -1.49 -1.09
CA LYS B 296 -9.69 -0.58 -2.06
C LYS B 296 -10.99 0.08 -1.61
N LYS B 297 -11.79 -0.64 -0.83
CA LYS B 297 -13.05 -0.09 -0.32
C LYS B 297 -12.75 1.16 0.49
N TRP B 298 -11.75 1.04 1.37
CA TRP B 298 -11.33 2.17 2.21
C TRP B 298 -10.90 3.33 1.32
N ILE B 299 -10.08 3.04 0.32
CA ILE B 299 -9.62 4.07 -0.61
C ILE B 299 -10.82 4.80 -1.22
N GLN B 300 -11.79 4.04 -1.72
CA GLN B 300 -12.97 4.62 -2.33
C GLN B 300 -13.75 5.52 -1.37
N LYS B 301 -13.98 5.04 -0.15
CA LYS B 301 -14.72 5.82 0.84
C LYS B 301 -14.01 7.12 1.20
N VAL B 302 -12.69 7.05 1.38
CA VAL B 302 -11.92 8.25 1.71
C VAL B 302 -12.03 9.28 0.59
N ILE B 303 -11.74 8.86 -0.64
CA ILE B 303 -11.81 9.78 -1.77
C ILE B 303 -13.23 10.25 -2.07
N ASP B 304 -14.19 9.34 -2.00
CA ASP B 304 -15.59 9.70 -2.27
C ASP B 304 -16.07 10.77 -1.30
N GLN B 305 -15.27 11.03 -0.26
CA GLN B 305 -15.63 12.01 0.75
C GLN B 305 -14.85 13.33 0.71
N PHE B 306 -13.55 13.25 0.47
CA PHE B 306 -12.72 14.47 0.44
C PHE B 306 -12.04 14.66 -0.91
#